data_1V9M
#
_entry.id   1V9M
#
_cell.length_a   41.790
_cell.length_b   83.806
_cell.length_c   48.567
_cell.angle_alpha   90.00
_cell.angle_beta   113.86
_cell.angle_gamma   90.00
#
_symmetry.space_group_name_H-M   'P 1 21 1'
#
loop_
_entity.id
_entity.type
_entity.pdbx_description
1 polymer 'V-type ATP synthase subunit C'
2 non-polymer GLYCEROL
3 water water
#
_entity_poly.entity_id   1
_entity_poly.type   'polypeptide(L)'
_entity_poly.pdbx_seq_one_letter_code
;MADDFAYLNARVRVRRGTLLKESFFQEALDLSFADFLRLLSETVYGGELAGQGLPDVDRAVLRTQAKLVGDLPRLVTGEA
REAVRLLLLRNDLHNLQALLRAKATGRPFEEVLLLPGTLREEVWRQAYEAQDPAGMAQVLAVPGHPLARALRAVLRETQD
LARVEALLAKRFFEDVAKAAKGLDQPALRDYLALEVDAENLRTAFKLQGSGLAPDAFFLKGGRFVDRVRFARLMEGDYAV
LDELSGTPFSGLSGVRDLKALERGLRCVLLKEAKKGVQDPLGVGLVLAYVKEREWEAVRLRLLARRAYFGLPRAQVEEEV
VCP
;
_entity_poly.pdbx_strand_id   A
#
loop_
_chem_comp.id
_chem_comp.type
_chem_comp.name
_chem_comp.formula
GOL non-polymer GLYCEROL 'C3 H8 O3'
#
# COMPACT_ATOMS: atom_id res chain seq x y z
N PHE A 5 21.56 -4.79 -10.33
CA PHE A 5 20.28 -4.31 -10.92
C PHE A 5 19.98 -4.90 -12.29
N ALA A 6 21.02 -5.32 -13.00
CA ALA A 6 20.83 -5.89 -14.32
C ALA A 6 19.95 -7.14 -14.25
N TYR A 7 20.18 -7.97 -13.26
CA TYR A 7 19.40 -9.20 -13.10
C TYR A 7 17.97 -8.91 -12.69
N LEU A 8 17.81 -8.08 -11.66
CA LEU A 8 16.48 -7.73 -11.18
C LEU A 8 15.64 -7.16 -12.33
N ASN A 9 16.24 -6.26 -13.09
CA ASN A 9 15.54 -5.64 -14.21
C ASN A 9 15.15 -6.64 -15.28
N ALA A 10 15.97 -7.67 -15.45
CA ALA A 10 15.67 -8.70 -16.42
C ALA A 10 14.42 -9.41 -15.94
N ARG A 11 14.40 -9.80 -14.67
CA ARG A 11 13.26 -10.50 -14.10
C ARG A 11 12.00 -9.64 -14.13
N VAL A 12 12.16 -8.33 -13.95
CA VAL A 12 11.02 -7.42 -13.99
C VAL A 12 10.52 -7.31 -15.42
N ARG A 13 11.45 -7.18 -16.38
CA ARG A 13 11.06 -7.07 -17.78
C ARG A 13 10.29 -8.33 -18.18
N VAL A 14 10.74 -9.48 -17.67
CA VAL A 14 10.09 -10.75 -17.97
C VAL A 14 8.63 -10.75 -17.51
N ARG A 15 8.34 -10.01 -16.45
CA ARG A 15 6.99 -9.96 -15.90
C ARG A 15 6.09 -8.79 -16.32
N ARG A 16 6.67 -7.72 -16.84
CA ARG A 16 5.89 -6.56 -17.24
C ARG A 16 4.90 -6.85 -18.36
N GLY A 17 5.17 -7.87 -19.16
CA GLY A 17 4.28 -8.21 -20.25
C GLY A 17 2.90 -8.68 -19.82
N THR A 18 2.76 -9.14 -18.58
CA THR A 18 1.46 -9.61 -18.12
C THR A 18 0.70 -8.60 -17.26
N LEU A 19 1.18 -7.35 -17.24
CA LEU A 19 0.48 -6.31 -16.50
C LEU A 19 -0.82 -6.13 -17.28
N LEU A 20 -1.94 -5.91 -16.59
CA LEU A 20 -3.20 -5.75 -17.29
C LEU A 20 -3.25 -4.41 -18.01
N LYS A 21 -3.74 -4.42 -19.24
CA LYS A 21 -3.85 -3.21 -20.04
C LYS A 21 -4.95 -2.33 -19.49
N GLU A 22 -4.89 -1.04 -19.81
CA GLU A 22 -5.90 -0.13 -19.31
C GLU A 22 -7.26 -0.53 -19.89
N SER A 23 -7.24 -1.21 -21.05
CA SER A 23 -8.48 -1.64 -21.68
C SER A 23 -9.24 -2.62 -20.78
N PHE A 24 -8.51 -3.39 -19.98
CA PHE A 24 -9.15 -4.34 -19.08
C PHE A 24 -10.01 -3.63 -18.06
N PHE A 25 -9.43 -2.63 -17.41
CA PHE A 25 -10.16 -1.90 -16.38
C PHE A 25 -11.32 -1.10 -16.95
N GLN A 26 -11.15 -0.57 -18.16
CA GLN A 26 -12.21 0.19 -18.79
C GLN A 26 -13.43 -0.70 -19.02
N GLU A 27 -13.20 -1.90 -19.54
CA GLU A 27 -14.30 -2.82 -19.80
C GLU A 27 -14.91 -3.36 -18.50
N ALA A 28 -14.04 -3.71 -17.56
CA ALA A 28 -14.47 -4.27 -16.28
C ALA A 28 -15.46 -3.40 -15.52
N LEU A 29 -15.33 -2.08 -15.69
CA LEU A 29 -16.22 -1.16 -14.99
C LEU A 29 -17.70 -1.39 -15.31
N ASP A 30 -17.98 -2.01 -16.45
CA ASP A 30 -19.37 -2.25 -16.83
C ASP A 30 -19.75 -3.72 -17.06
N LEU A 31 -19.03 -4.64 -16.42
CA LEU A 31 -19.31 -6.06 -16.58
C LEU A 31 -20.07 -6.69 -15.43
N SER A 32 -20.84 -7.73 -15.75
CA SER A 32 -21.56 -8.47 -14.73
C SER A 32 -20.44 -9.23 -14.02
N PHE A 33 -20.70 -9.79 -12.85
CA PHE A 33 -19.64 -10.52 -12.17
C PHE A 33 -19.16 -11.73 -12.99
N ALA A 34 -20.12 -12.44 -13.59
CA ALA A 34 -19.79 -13.61 -14.41
C ALA A 34 -18.84 -13.22 -15.54
N ASP A 35 -19.13 -12.11 -16.21
CA ASP A 35 -18.28 -11.65 -17.30
C ASP A 35 -16.94 -11.16 -16.78
N PHE A 36 -16.94 -10.59 -15.58
CA PHE A 36 -15.70 -10.11 -14.97
C PHE A 36 -14.78 -11.31 -14.77
N LEU A 37 -15.34 -12.40 -14.24
CA LEU A 37 -14.56 -13.62 -14.02
C LEU A 37 -14.02 -14.12 -15.36
N ARG A 38 -14.86 -14.10 -16.39
CA ARG A 38 -14.44 -14.54 -17.71
C ARG A 38 -13.26 -13.72 -18.24
N LEU A 39 -13.35 -12.40 -18.08
CA LEU A 39 -12.29 -11.53 -18.55
C LEU A 39 -11.01 -11.78 -17.77
N LEU A 40 -11.16 -11.92 -16.45
CA LEU A 40 -10.00 -12.16 -15.60
C LEU A 40 -9.35 -13.51 -15.91
N SER A 41 -10.15 -14.52 -16.19
CA SER A 41 -9.64 -15.86 -16.46
C SER A 41 -8.71 -15.92 -17.65
N GLU A 42 -8.78 -14.92 -18.53
CA GLU A 42 -7.93 -14.90 -19.71
C GLU A 42 -6.61 -14.18 -19.47
N THR A 43 -6.47 -13.59 -18.28
CA THR A 43 -5.25 -12.85 -17.93
C THR A 43 -4.35 -13.79 -17.14
N VAL A 44 -3.19 -13.28 -16.73
CA VAL A 44 -2.24 -14.07 -15.95
C VAL A 44 -2.88 -14.54 -14.63
N TYR A 45 -3.93 -13.84 -14.20
CA TYR A 45 -4.63 -14.20 -12.97
C TYR A 45 -5.46 -15.46 -13.13
N GLY A 46 -5.75 -15.83 -14.37
CA GLY A 46 -6.55 -17.02 -14.61
C GLY A 46 -5.99 -18.27 -13.96
N GLY A 47 -4.66 -18.38 -13.93
CA GLY A 47 -4.03 -19.54 -13.35
C GLY A 47 -4.41 -19.82 -11.90
N GLU A 48 -4.67 -18.76 -11.14
CA GLU A 48 -5.02 -18.90 -9.73
C GLU A 48 -6.50 -18.68 -9.44
N LEU A 49 -7.30 -18.47 -10.48
CA LEU A 49 -8.73 -18.25 -10.28
C LEU A 49 -9.40 -19.62 -10.27
N ALA A 50 -9.78 -20.08 -9.08
CA ALA A 50 -10.39 -21.41 -8.94
C ALA A 50 -11.87 -21.45 -8.60
N GLY A 51 -12.51 -20.28 -8.42
CA GLY A 51 -13.91 -20.30 -8.08
C GLY A 51 -14.77 -19.25 -8.76
N GLN A 52 -16.05 -19.24 -8.41
CA GLN A 52 -17.02 -18.31 -8.97
C GLN A 52 -17.44 -17.20 -7.99
N GLY A 53 -16.82 -17.15 -6.82
CA GLY A 53 -17.20 -16.14 -5.84
C GLY A 53 -16.24 -14.98 -5.67
N LEU A 54 -16.66 -13.98 -4.91
CA LEU A 54 -15.82 -12.80 -4.69
C LEU A 54 -14.50 -13.18 -4.01
N PRO A 55 -14.54 -14.04 -2.98
CA PRO A 55 -13.28 -14.43 -2.32
C PRO A 55 -12.31 -15.13 -3.28
N ASP A 56 -12.87 -15.77 -4.30
CA ASP A 56 -12.04 -16.48 -5.27
C ASP A 56 -11.25 -15.47 -6.10
N VAL A 57 -11.84 -14.30 -6.34
CA VAL A 57 -11.15 -13.26 -7.09
C VAL A 57 -10.05 -12.70 -6.20
N ASP A 58 -10.40 -12.39 -4.96
CA ASP A 58 -9.41 -11.84 -4.03
C ASP A 58 -8.23 -12.79 -3.87
N ARG A 59 -8.51 -14.09 -3.73
CA ARG A 59 -7.46 -15.09 -3.56
C ARG A 59 -6.57 -15.20 -4.81
N ALA A 60 -7.18 -15.15 -5.99
CA ALA A 60 -6.42 -15.24 -7.23
C ALA A 60 -5.45 -14.06 -7.35
N VAL A 61 -5.91 -12.88 -6.95
CA VAL A 61 -5.05 -11.70 -7.00
C VAL A 61 -3.88 -11.87 -6.02
N LEU A 62 -4.19 -12.21 -4.78
CA LEU A 62 -3.13 -12.40 -3.78
C LEU A 62 -2.09 -13.45 -4.20
N ARG A 63 -2.55 -14.64 -4.59
CA ARG A 63 -1.62 -15.70 -4.99
C ARG A 63 -0.83 -15.40 -6.25
N THR A 64 -1.46 -14.71 -7.20
CA THR A 64 -0.75 -14.36 -8.42
C THR A 64 0.34 -13.35 -8.12
N GLN A 65 0.03 -12.35 -7.31
CA GLN A 65 1.03 -11.34 -7.01
C GLN A 65 2.14 -11.85 -6.10
N ALA A 66 1.86 -12.90 -5.34
CA ALA A 66 2.89 -13.45 -4.47
C ALA A 66 3.97 -14.08 -5.35
N LYS A 67 3.56 -14.57 -6.52
CA LYS A 67 4.51 -15.19 -7.42
C LYS A 67 5.11 -14.25 -8.46
N LEU A 68 4.46 -13.12 -8.71
CA LEU A 68 4.95 -12.17 -9.70
C LEU A 68 5.52 -10.89 -9.09
N VAL A 69 5.31 -10.70 -7.79
CA VAL A 69 5.79 -9.50 -7.11
C VAL A 69 6.46 -9.80 -5.77
N GLY A 70 5.73 -10.50 -4.90
CA GLY A 70 6.24 -10.81 -3.57
C GLY A 70 7.54 -11.59 -3.47
N ASP A 71 7.87 -12.35 -4.51
CA ASP A 71 9.08 -13.15 -4.50
C ASP A 71 10.34 -12.43 -4.96
N LEU A 72 10.17 -11.27 -5.59
CA LEU A 72 11.32 -10.52 -6.10
C LEU A 72 12.53 -10.40 -5.17
N PRO A 73 12.31 -10.10 -3.87
CA PRO A 73 13.43 -9.98 -2.94
C PRO A 73 14.27 -11.24 -2.78
N ARG A 74 13.63 -12.39 -3.00
CA ARG A 74 14.32 -13.66 -2.86
C ARG A 74 15.12 -14.06 -4.09
N LEU A 75 14.90 -13.33 -5.19
CA LEU A 75 15.57 -13.62 -6.44
C LEU A 75 16.91 -12.93 -6.63
N VAL A 76 17.14 -11.85 -5.89
CA VAL A 76 18.38 -11.10 -6.04
C VAL A 76 19.08 -10.79 -4.73
N THR A 77 20.17 -10.05 -4.81
CA THR A 77 20.92 -9.65 -3.63
C THR A 77 21.46 -8.25 -3.83
N GLY A 78 22.37 -7.83 -2.96
CA GLY A 78 22.95 -6.51 -3.07
C GLY A 78 21.93 -5.39 -3.00
N GLU A 79 22.27 -4.25 -3.60
CA GLU A 79 21.40 -3.09 -3.59
C GLU A 79 20.08 -3.32 -4.30
N ALA A 80 20.09 -4.16 -5.33
CA ALA A 80 18.85 -4.45 -6.07
C ALA A 80 17.81 -5.08 -5.13
N ARG A 81 18.26 -6.02 -4.31
CA ARG A 81 17.36 -6.69 -3.37
C ARG A 81 16.89 -5.69 -2.33
N GLU A 82 17.80 -4.80 -1.91
CA GLU A 82 17.49 -3.78 -0.92
C GLU A 82 16.33 -2.90 -1.38
N ALA A 83 16.38 -2.46 -2.64
CA ALA A 83 15.34 -1.60 -3.20
C ALA A 83 13.97 -2.26 -3.22
N VAL A 84 13.89 -3.42 -3.86
CA VAL A 84 12.62 -4.11 -3.95
C VAL A 84 12.15 -4.63 -2.58
N ARG A 85 13.09 -5.08 -1.75
CA ARG A 85 12.73 -5.57 -0.43
C ARG A 85 12.11 -4.42 0.37
N LEU A 86 12.72 -3.25 0.26
CA LEU A 86 12.21 -2.07 0.96
C LEU A 86 10.78 -1.73 0.54
N LEU A 87 10.52 -1.77 -0.77
CA LEU A 87 9.19 -1.48 -1.28
C LEU A 87 8.14 -2.44 -0.76
N LEU A 88 8.48 -3.73 -0.72
CA LEU A 88 7.54 -4.74 -0.27
C LEU A 88 7.32 -4.70 1.25
N LEU A 89 8.38 -4.39 2.00
CA LEU A 89 8.25 -4.28 3.45
C LEU A 89 7.37 -3.09 3.79
N ARG A 90 7.43 -2.05 2.97
CA ARG A 90 6.59 -0.87 3.20
C ARG A 90 5.13 -1.30 3.06
N ASN A 91 4.85 -2.21 2.13
CA ASN A 91 3.49 -2.69 1.95
C ASN A 91 3.09 -3.60 3.11
N ASP A 92 4.07 -4.31 3.68
CA ASP A 92 3.77 -5.16 4.81
C ASP A 92 3.38 -4.27 5.99
N LEU A 93 3.99 -3.08 6.06
CA LEU A 93 3.67 -2.13 7.13
C LEU A 93 2.22 -1.71 6.99
N HIS A 94 1.84 -1.39 5.75
CA HIS A 94 0.47 -0.96 5.45
C HIS A 94 -0.49 -2.08 5.84
N ASN A 95 -0.14 -3.31 5.45
CA ASN A 95 -0.98 -4.46 5.76
C ASN A 95 -1.16 -4.62 7.27
N LEU A 96 -0.07 -4.51 8.03
CA LEU A 96 -0.20 -4.67 9.47
C LEU A 96 -1.09 -3.57 10.06
N GLN A 97 -0.89 -2.34 9.63
CA GLN A 97 -1.69 -1.23 10.15
C GLN A 97 -3.17 -1.48 9.84
N ALA A 98 -3.44 -1.94 8.61
CA ALA A 98 -4.81 -2.20 8.18
C ALA A 98 -5.44 -3.31 9.03
N LEU A 99 -4.62 -4.30 9.41
CA LEU A 99 -5.14 -5.41 10.21
C LEU A 99 -5.41 -4.92 11.63
N LEU A 100 -4.50 -4.13 12.18
CA LEU A 100 -4.67 -3.61 13.53
C LEU A 100 -5.96 -2.78 13.61
N ARG A 101 -6.17 -1.96 12.59
CA ARG A 101 -7.35 -1.10 12.52
C ARG A 101 -8.63 -1.94 12.36
N ALA A 102 -8.57 -2.98 11.53
CA ALA A 102 -9.73 -3.84 11.34
C ALA A 102 -10.11 -4.54 12.65
N LYS A 103 -9.12 -5.07 13.36
CA LYS A 103 -9.34 -5.76 14.63
C LYS A 103 -9.91 -4.82 15.68
N ALA A 104 -9.41 -3.59 15.70
CA ALA A 104 -9.87 -2.60 16.67
C ALA A 104 -11.33 -2.23 16.45
N THR A 105 -11.82 -2.44 15.23
CA THR A 105 -13.19 -2.12 14.89
C THR A 105 -14.05 -3.37 14.69
N GLY A 106 -13.43 -4.54 14.87
CA GLY A 106 -14.15 -5.79 14.70
C GLY A 106 -14.62 -6.07 13.29
N ARG A 107 -13.88 -5.56 12.30
CA ARG A 107 -14.25 -5.78 10.91
C ARG A 107 -13.72 -7.13 10.44
N PRO A 108 -14.46 -7.79 9.52
CA PRO A 108 -14.08 -9.09 8.99
C PRO A 108 -12.75 -9.03 8.26
N PHE A 109 -12.01 -10.13 8.27
CA PHE A 109 -10.73 -10.21 7.59
C PHE A 109 -10.92 -9.90 6.09
N GLU A 110 -12.01 -10.40 5.52
CA GLU A 110 -12.35 -10.22 4.11
C GLU A 110 -12.36 -8.74 3.67
N GLU A 111 -12.58 -7.85 4.62
CA GLU A 111 -12.64 -6.42 4.33
C GLU A 111 -11.28 -5.75 4.31
N VAL A 112 -10.24 -6.49 4.71
CA VAL A 112 -8.90 -5.92 4.73
C VAL A 112 -8.18 -6.05 3.40
N LEU A 113 -7.75 -4.92 2.86
CA LEU A 113 -7.01 -4.90 1.62
C LEU A 113 -5.59 -5.32 1.96
N LEU A 114 -5.08 -6.31 1.24
CA LEU A 114 -3.71 -6.75 1.48
C LEU A 114 -2.90 -6.42 0.24
N LEU A 115 -1.95 -5.51 0.38
CA LEU A 115 -1.09 -5.13 -0.72
C LEU A 115 0.00 -6.16 -0.90
N PRO A 116 0.56 -6.27 -2.12
CA PRO A 116 1.62 -7.24 -2.34
C PRO A 116 2.84 -6.99 -1.45
N GLY A 117 3.19 -7.98 -0.64
CA GLY A 117 4.31 -7.84 0.28
C GLY A 117 5.16 -9.09 0.29
N THR A 118 5.87 -9.32 1.39
CA THR A 118 6.74 -10.49 1.50
C THR A 118 6.12 -11.67 2.24
N LEU A 119 4.92 -11.50 2.80
CA LEU A 119 4.30 -12.59 3.55
C LEU A 119 3.13 -13.25 2.85
N ARG A 120 2.94 -14.54 3.11
CA ARG A 120 1.83 -15.28 2.52
C ARG A 120 0.55 -14.82 3.21
N GLU A 121 -0.57 -14.92 2.50
CA GLU A 121 -1.84 -14.49 3.06
C GLU A 121 -2.15 -15.26 4.34
N GLU A 122 -1.75 -16.52 4.40
CA GLU A 122 -2.01 -17.35 5.57
C GLU A 122 -1.39 -16.75 6.84
N VAL A 123 -0.24 -16.10 6.70
CA VAL A 123 0.40 -15.50 7.87
C VAL A 123 -0.45 -14.34 8.37
N TRP A 124 -0.94 -13.51 7.45
CA TRP A 124 -1.78 -12.38 7.82
C TRP A 124 -3.05 -12.88 8.48
N ARG A 125 -3.59 -13.99 7.96
CA ARG A 125 -4.81 -14.55 8.52
C ARG A 125 -4.54 -14.99 9.97
N GLN A 126 -3.40 -15.61 10.21
CA GLN A 126 -3.06 -16.05 11.55
C GLN A 126 -2.91 -14.86 12.49
N ALA A 127 -2.36 -13.76 11.96
CA ALA A 127 -2.18 -12.57 12.78
C ALA A 127 -3.53 -11.97 13.15
N TYR A 128 -4.46 -12.00 12.20
CA TYR A 128 -5.80 -11.46 12.43
C TYR A 128 -6.51 -12.32 13.46
N GLU A 129 -6.25 -13.62 13.41
CA GLU A 129 -6.85 -14.58 14.33
C GLU A 129 -6.31 -14.42 15.76
N ALA A 130 -5.12 -13.86 15.88
CA ALA A 130 -4.49 -13.65 17.18
C ALA A 130 -5.37 -12.80 18.10
N GLN A 131 -5.31 -13.10 19.40
CA GLN A 131 -6.12 -12.39 20.39
C GLN A 131 -5.75 -10.92 20.60
N ASP A 132 -4.49 -10.57 20.38
CA ASP A 132 -4.05 -9.19 20.60
C ASP A 132 -2.79 -8.85 19.81
N PRO A 133 -2.37 -7.57 19.83
CA PRO A 133 -1.17 -7.14 19.11
C PRO A 133 0.05 -8.00 19.45
N ALA A 134 0.19 -8.33 20.73
CA ALA A 134 1.30 -9.15 21.19
C ALA A 134 1.25 -10.49 20.48
N GLY A 135 0.04 -11.03 20.34
CA GLY A 135 -0.14 -12.30 19.66
C GLY A 135 0.19 -12.18 18.19
N MET A 136 -0.08 -11.02 17.61
CA MET A 136 0.21 -10.81 16.20
C MET A 136 1.72 -10.81 16.01
N ALA A 137 2.44 -10.23 16.96
CA ALA A 137 3.89 -10.17 16.89
C ALA A 137 4.51 -11.56 16.83
N GLN A 138 3.98 -12.49 17.62
CA GLN A 138 4.50 -13.86 17.64
C GLN A 138 4.29 -14.53 16.29
N VAL A 139 3.15 -14.28 15.67
CA VAL A 139 2.83 -14.84 14.37
C VAL A 139 3.80 -14.35 13.31
N LEU A 140 4.05 -13.04 13.32
CA LEU A 140 4.95 -12.42 12.35
C LEU A 140 6.39 -12.87 12.55
N ALA A 141 6.73 -13.27 13.77
CA ALA A 141 8.08 -13.71 14.08
C ALA A 141 8.41 -15.06 13.43
N VAL A 142 7.42 -15.92 13.25
CA VAL A 142 7.68 -17.22 12.64
C VAL A 142 8.41 -17.08 11.31
N PRO A 143 7.89 -16.25 10.38
CA PRO A 143 8.57 -16.10 9.10
C PRO A 143 9.72 -15.08 9.22
N GLY A 144 10.03 -14.70 10.47
CA GLY A 144 11.11 -13.75 10.71
C GLY A 144 10.89 -12.38 10.11
N HIS A 145 9.69 -11.84 10.23
CA HIS A 145 9.43 -10.53 9.67
C HIS A 145 9.90 -9.43 10.62
N PRO A 146 10.51 -8.36 10.09
CA PRO A 146 10.99 -7.28 10.97
C PRO A 146 9.87 -6.58 11.76
N LEU A 147 8.64 -6.65 11.28
CA LEU A 147 7.52 -6.02 11.98
C LEU A 147 7.25 -6.67 13.34
N ALA A 148 7.60 -7.95 13.48
CA ALA A 148 7.39 -8.63 14.75
C ALA A 148 8.22 -7.89 15.79
N ARG A 149 9.46 -7.56 15.43
CA ARG A 149 10.37 -6.84 16.32
C ARG A 149 9.90 -5.42 16.56
N ALA A 150 9.48 -4.73 15.50
CA ALA A 150 9.01 -3.35 15.65
C ALA A 150 7.73 -3.30 16.50
N LEU A 151 6.82 -4.24 16.27
CA LEU A 151 5.57 -4.26 17.03
C LEU A 151 5.80 -4.51 18.52
N ARG A 152 6.70 -5.43 18.85
CA ARG A 152 6.99 -5.72 20.25
C ARG A 152 7.54 -4.47 20.92
N ALA A 153 8.42 -3.77 20.23
CA ALA A 153 9.03 -2.56 20.77
C ALA A 153 8.00 -1.45 21.00
N VAL A 154 7.15 -1.21 20.01
CA VAL A 154 6.13 -0.17 20.15
C VAL A 154 5.13 -0.46 21.27
N LEU A 155 4.81 -1.74 21.45
CA LEU A 155 3.86 -2.15 22.47
C LEU A 155 4.34 -1.93 23.90
N ARG A 156 5.65 -1.87 24.10
CA ARG A 156 6.15 -1.64 25.46
C ARG A 156 6.20 -0.15 25.72
N GLU A 157 5.59 0.62 24.81
CA GLU A 157 5.55 2.06 24.92
C GLU A 157 4.12 2.59 24.88
N THR A 158 3.24 1.88 24.18
CA THR A 158 1.84 2.30 24.08
C THR A 158 0.93 1.25 23.44
N GLN A 159 -0.35 1.32 23.76
CA GLN A 159 -1.36 0.39 23.23
C GLN A 159 -2.40 1.10 22.38
N ASP A 160 -2.36 2.43 22.37
CA ASP A 160 -3.29 3.25 21.60
C ASP A 160 -3.16 2.97 20.10
N LEU A 161 -4.24 2.50 19.48
CA LEU A 161 -4.26 2.19 18.05
C LEU A 161 -3.53 3.19 17.16
N ALA A 162 -4.00 4.43 17.16
CA ALA A 162 -3.40 5.48 16.34
C ALA A 162 -1.91 5.67 16.57
N ARG A 163 -1.49 5.63 17.83
CA ARG A 163 -0.08 5.82 18.16
C ARG A 163 0.75 4.61 17.74
N VAL A 164 0.18 3.41 17.90
CA VAL A 164 0.87 2.19 17.50
C VAL A 164 1.14 2.25 15.99
N GLU A 165 0.12 2.63 15.22
CA GLU A 165 0.29 2.73 13.77
C GLU A 165 1.37 3.73 13.41
N ALA A 166 1.35 4.90 14.07
CA ALA A 166 2.32 5.94 13.78
C ALA A 166 3.74 5.55 14.18
N LEU A 167 3.87 4.91 15.33
CA LEU A 167 5.19 4.49 15.81
C LEU A 167 5.76 3.34 14.99
N LEU A 168 4.88 2.47 14.49
CA LEU A 168 5.33 1.37 13.64
C LEU A 168 5.94 2.00 12.39
N ALA A 169 5.24 2.99 11.85
CA ALA A 169 5.71 3.68 10.66
C ALA A 169 7.01 4.44 10.95
N LYS A 170 7.07 5.12 12.08
CA LYS A 170 8.27 5.86 12.44
C LYS A 170 9.49 4.94 12.46
N ARG A 171 9.34 3.78 13.09
CA ARG A 171 10.44 2.81 13.16
C ARG A 171 10.83 2.30 11.77
N PHE A 172 9.84 2.02 10.92
CA PHE A 172 10.11 1.53 9.58
C PHE A 172 10.95 2.53 8.80
N PHE A 173 10.45 3.76 8.72
CA PHE A 173 11.16 4.80 7.97
C PHE A 173 12.52 5.18 8.55
N GLU A 174 12.70 5.03 9.85
CA GLU A 174 13.99 5.35 10.44
C GLU A 174 14.99 4.28 9.98
N ASP A 175 14.51 3.05 9.83
CA ASP A 175 15.36 1.95 9.38
C ASP A 175 15.63 2.13 7.89
N VAL A 176 14.65 2.70 7.18
CA VAL A 176 14.79 2.94 5.76
C VAL A 176 15.94 3.91 5.51
N ALA A 177 15.94 4.99 6.27
CA ALA A 177 16.99 6.02 6.15
C ALA A 177 18.36 5.44 6.40
N LYS A 178 18.45 4.48 7.32
CA LYS A 178 19.70 3.84 7.66
C LYS A 178 19.89 2.54 6.89
N PRO A 186 18.79 7.24 -6.88
CA PRO A 186 18.18 8.53 -7.23
C PRO A 186 16.67 8.41 -7.36
N ALA A 187 16.22 7.60 -8.31
CA ALA A 187 14.79 7.40 -8.54
C ALA A 187 14.15 6.91 -7.24
N LEU A 188 14.87 6.05 -6.54
CA LEU A 188 14.38 5.49 -5.29
C LEU A 188 14.44 6.54 -4.16
N ARG A 189 15.48 7.36 -4.16
CA ARG A 189 15.60 8.39 -3.14
C ARG A 189 14.43 9.37 -3.30
N ASP A 190 14.18 9.78 -4.54
CA ASP A 190 13.10 10.71 -4.86
C ASP A 190 11.76 10.12 -4.46
N TYR A 191 11.56 8.86 -4.81
CA TYR A 191 10.31 8.18 -4.49
C TYR A 191 10.12 8.03 -2.98
N LEU A 192 11.17 7.62 -2.28
CA LEU A 192 11.07 7.44 -0.84
C LEU A 192 10.74 8.73 -0.11
N ALA A 193 11.21 9.86 -0.63
CA ALA A 193 10.92 11.13 0.01
C ALA A 193 9.42 11.40 -0.05
N LEU A 194 8.78 11.02 -1.16
CA LEU A 194 7.35 11.21 -1.28
C LEU A 194 6.58 10.26 -0.38
N GLU A 195 7.15 9.07 -0.14
CA GLU A 195 6.50 8.12 0.75
C GLU A 195 6.52 8.70 2.17
N VAL A 196 7.62 9.37 2.52
CA VAL A 196 7.72 10.00 3.83
C VAL A 196 6.69 11.14 3.93
N ASP A 197 6.59 11.95 2.88
CA ASP A 197 5.62 13.04 2.87
C ASP A 197 4.23 12.48 3.12
N ALA A 198 3.85 11.47 2.34
CA ALA A 198 2.54 10.85 2.46
C ALA A 198 2.28 10.24 3.83
N GLU A 199 3.31 9.63 4.42
CA GLU A 199 3.17 9.02 5.74
C GLU A 199 2.94 10.11 6.78
N ASN A 200 3.66 11.23 6.66
CA ASN A 200 3.48 12.33 7.61
C ASN A 200 2.06 12.89 7.50
N LEU A 201 1.53 12.95 6.29
CA LEU A 201 0.18 13.46 6.11
C LEU A 201 -0.84 12.54 6.74
N ARG A 202 -0.72 11.23 6.54
CA ARG A 202 -1.70 10.34 7.13
C ARG A 202 -1.57 10.29 8.66
N THR A 203 -0.35 10.37 9.16
CA THR A 203 -0.15 10.35 10.61
C THR A 203 -0.72 11.61 11.23
N ALA A 204 -0.43 12.77 10.62
CA ALA A 204 -0.92 14.04 11.15
C ALA A 204 -2.45 14.02 11.18
N PHE A 205 -3.03 13.40 10.16
CA PHE A 205 -4.48 13.30 10.06
C PHE A 205 -5.01 12.36 11.15
N LYS A 206 -4.38 11.21 11.30
CA LYS A 206 -4.79 10.22 12.31
C LYS A 206 -4.66 10.70 13.75
N LEU A 207 -3.64 11.52 14.01
CA LEU A 207 -3.40 12.03 15.35
C LEU A 207 -3.89 13.45 15.55
N GLN A 208 -4.66 13.94 14.59
CA GLN A 208 -5.17 15.31 14.68
C GLN A 208 -5.95 15.55 15.96
N GLY A 209 -5.61 16.65 16.65
CA GLY A 209 -6.29 17.00 17.88
C GLY A 209 -5.90 16.17 19.09
N SER A 210 -4.95 15.25 18.92
CA SER A 210 -4.53 14.40 20.02
C SER A 210 -3.79 15.23 21.08
N GLY A 211 -3.14 16.29 20.63
CA GLY A 211 -2.39 17.13 21.54
C GLY A 211 -1.03 16.53 21.83
N LEU A 212 -0.63 15.53 21.05
CA LEU A 212 0.67 14.89 21.23
C LEU A 212 1.73 15.77 20.59
N ALA A 213 2.97 15.65 21.07
CA ALA A 213 4.06 16.45 20.51
C ALA A 213 4.34 16.05 19.08
N PRO A 214 4.17 16.98 18.12
CA PRO A 214 4.41 16.68 16.71
C PRO A 214 5.81 16.12 16.44
N ASP A 215 6.82 16.66 17.10
CA ASP A 215 8.19 16.20 16.90
C ASP A 215 8.40 14.73 17.27
N ALA A 216 7.51 14.20 18.11
CA ALA A 216 7.62 12.81 18.53
C ALA A 216 7.10 11.86 17.46
N PHE A 217 6.47 12.43 16.43
CA PHE A 217 5.88 11.61 15.36
C PHE A 217 6.32 12.02 13.96
N PHE A 218 6.93 13.19 13.82
CA PHE A 218 7.38 13.67 12.52
C PHE A 218 8.50 12.81 11.94
N LEU A 219 8.40 12.49 10.66
CA LEU A 219 9.42 11.71 9.97
C LEU A 219 10.25 12.62 9.08
N LYS A 220 11.56 12.60 9.25
CA LYS A 220 12.45 13.41 8.43
C LYS A 220 12.71 12.64 7.14
N GLY A 221 13.27 13.30 6.15
CA GLY A 221 13.58 12.65 4.88
C GLY A 221 12.56 12.86 3.78
N GLY A 222 11.56 13.69 4.06
CA GLY A 222 10.52 13.95 3.08
C GLY A 222 10.96 15.03 2.12
N ARG A 223 10.01 15.67 1.45
CA ARG A 223 10.32 16.72 0.49
C ARG A 223 9.39 17.92 0.60
N PHE A 224 8.08 17.67 0.48
CA PHE A 224 7.11 18.76 0.51
C PHE A 224 6.40 18.97 1.84
N VAL A 225 6.29 17.93 2.65
CA VAL A 225 5.60 18.06 3.94
C VAL A 225 6.58 18.32 5.07
N ASP A 226 6.89 19.61 5.25
CA ASP A 226 7.81 20.05 6.28
C ASP A 226 7.20 19.96 7.67
N ARG A 227 8.04 20.08 8.69
CA ARG A 227 7.58 19.99 10.07
C ARG A 227 6.45 20.98 10.37
N VAL A 228 6.46 22.14 9.74
CA VAL A 228 5.41 23.15 9.94
C VAL A 228 4.07 22.68 9.36
N ARG A 229 4.10 22.16 8.13
CA ARG A 229 2.87 21.67 7.52
C ARG A 229 2.32 20.50 8.31
N PHE A 230 3.22 19.66 8.81
CA PHE A 230 2.85 18.49 9.59
C PHE A 230 2.14 18.91 10.87
N ALA A 231 2.78 19.79 11.63
CA ALA A 231 2.25 20.29 12.89
C ALA A 231 0.92 21.01 12.70
N ARG A 232 0.83 21.82 11.64
CA ARG A 232 -0.41 22.55 11.35
C ARG A 232 -1.58 21.59 11.19
N LEU A 233 -1.39 20.56 10.37
CA LEU A 233 -2.46 19.60 10.15
C LEU A 233 -2.75 18.82 11.43
N MET A 234 -1.71 18.40 12.14
CA MET A 234 -1.90 17.65 13.37
C MET A 234 -2.63 18.47 14.44
N GLU A 235 -2.44 19.78 14.42
CA GLU A 235 -3.10 20.63 15.40
C GLU A 235 -4.46 21.14 14.93
N GLY A 236 -4.96 20.53 13.85
CA GLY A 236 -6.29 20.85 13.35
C GLY A 236 -6.51 21.73 12.14
N ASP A 237 -5.45 22.16 11.47
CA ASP A 237 -5.62 23.02 10.30
C ASP A 237 -5.72 22.23 9.00
N TYR A 238 -6.94 21.94 8.56
CA TYR A 238 -7.17 21.20 7.33
C TYR A 238 -6.74 22.02 6.10
N ALA A 239 -6.72 23.34 6.24
CA ALA A 239 -6.34 24.21 5.14
C ALA A 239 -4.96 23.89 4.57
N VAL A 240 -4.13 23.21 5.36
CA VAL A 240 -2.79 22.84 4.89
C VAL A 240 -2.93 22.05 3.60
N LEU A 241 -3.94 21.20 3.54
CA LEU A 241 -4.18 20.36 2.36
C LEU A 241 -4.59 21.17 1.13
N ASP A 242 -5.06 22.39 1.33
CA ASP A 242 -5.47 23.24 0.22
C ASP A 242 -4.34 24.16 -0.25
N GLU A 243 -3.19 24.06 0.41
CA GLU A 243 -2.04 24.91 0.09
C GLU A 243 -0.92 24.17 -0.65
N LEU A 244 -1.23 22.98 -1.14
CA LEU A 244 -0.22 22.17 -1.81
C LEU A 244 -0.33 22.22 -3.34
N SER A 245 -1.00 23.23 -3.88
CA SER A 245 -1.21 23.32 -5.32
C SER A 245 0.04 23.28 -6.20
N GLY A 246 1.18 23.71 -5.67
CA GLY A 246 2.39 23.67 -6.48
C GLY A 246 3.19 22.40 -6.30
N THR A 247 2.59 21.38 -5.71
CA THR A 247 3.26 20.11 -5.43
C THR A 247 2.50 18.89 -5.98
N PRO A 248 3.10 17.69 -5.88
CA PRO A 248 2.44 16.47 -6.38
C PRO A 248 1.18 16.19 -5.57
N PHE A 249 1.05 16.83 -4.41
CA PHE A 249 -0.11 16.64 -3.53
C PHE A 249 -1.25 17.63 -3.77
N SER A 250 -1.21 18.33 -4.89
CA SER A 250 -2.24 19.33 -5.21
C SER A 250 -3.67 18.78 -5.18
N GLY A 251 -3.82 17.49 -5.50
CA GLY A 251 -5.14 16.88 -5.51
C GLY A 251 -5.79 16.63 -4.15
N LEU A 252 -5.08 16.95 -3.06
CA LEU A 252 -5.63 16.75 -1.73
C LEU A 252 -6.47 17.95 -1.27
N SER A 253 -6.58 18.96 -2.12
CA SER A 253 -7.37 20.14 -1.78
C SER A 253 -8.81 19.71 -1.51
N GLY A 254 -9.37 20.18 -0.39
CA GLY A 254 -10.73 19.85 -0.05
C GLY A 254 -10.89 18.55 0.73
N VAL A 255 -9.85 17.74 0.79
CA VAL A 255 -9.90 16.48 1.52
C VAL A 255 -10.15 16.75 3.01
N ARG A 256 -11.20 16.13 3.55
CA ARG A 256 -11.54 16.30 4.95
C ARG A 256 -11.82 14.98 5.67
N ASP A 257 -11.50 13.87 5.02
CA ASP A 257 -11.70 12.55 5.61
C ASP A 257 -10.57 11.60 5.21
N LEU A 258 -10.22 10.70 6.12
CA LEU A 258 -9.13 9.76 5.90
C LEU A 258 -9.29 8.91 4.63
N LYS A 259 -10.53 8.56 4.29
CA LYS A 259 -10.77 7.75 3.11
C LYS A 259 -10.29 8.52 1.88
N ALA A 260 -10.77 9.75 1.74
CA ALA A 260 -10.40 10.60 0.61
C ALA A 260 -8.89 10.87 0.57
N LEU A 261 -8.29 10.96 1.76
CA LEU A 261 -6.86 11.23 1.84
C LEU A 261 -6.07 10.06 1.26
N GLU A 262 -6.42 8.85 1.67
CA GLU A 262 -5.72 7.65 1.20
C GLU A 262 -5.85 7.52 -0.30
N ARG A 263 -7.02 7.90 -0.82
CA ARG A 263 -7.27 7.83 -2.25
C ARG A 263 -6.29 8.73 -3.00
N GLY A 264 -6.18 9.96 -2.53
CA GLY A 264 -5.28 10.92 -3.14
C GLY A 264 -3.82 10.54 -3.01
N LEU A 265 -3.45 10.01 -1.85
CA LEU A 265 -2.06 9.62 -1.63
C LEU A 265 -1.62 8.49 -2.56
N ARG A 266 -2.53 7.56 -2.82
CA ARG A 266 -2.23 6.44 -3.70
C ARG A 266 -1.92 6.94 -5.11
N CYS A 267 -2.75 7.87 -5.61
CA CYS A 267 -2.54 8.42 -6.94
C CYS A 267 -1.21 9.18 -7.02
N VAL A 268 -0.86 9.89 -5.95
CA VAL A 268 0.39 10.64 -5.96
C VAL A 268 1.60 9.74 -6.09
N LEU A 269 1.64 8.70 -5.27
CA LEU A 269 2.76 7.77 -5.29
C LEU A 269 2.77 6.94 -6.56
N LEU A 270 1.60 6.61 -7.09
CA LEU A 270 1.55 5.84 -8.33
C LEU A 270 2.18 6.64 -9.46
N LYS A 271 1.77 7.90 -9.59
CA LYS A 271 2.31 8.76 -10.65
C LYS A 271 3.82 8.91 -10.54
N GLU A 272 4.32 9.07 -9.33
CA GLU A 272 5.75 9.23 -9.09
C GLU A 272 6.50 7.95 -9.50
N ALA A 273 5.96 6.79 -9.13
CA ALA A 273 6.58 5.51 -9.44
C ALA A 273 6.66 5.27 -10.94
N LYS A 274 5.63 5.68 -11.67
CA LYS A 274 5.59 5.49 -13.11
C LYS A 274 6.69 6.26 -13.84
N LYS A 275 7.32 7.22 -13.17
CA LYS A 275 8.41 7.97 -13.80
C LYS A 275 9.54 6.98 -14.05
N GLY A 276 9.57 5.93 -13.24
CA GLY A 276 10.59 4.90 -13.33
C GLY A 276 10.79 4.23 -14.68
N VAL A 277 9.75 4.19 -15.50
CA VAL A 277 9.86 3.58 -16.81
C VAL A 277 10.99 4.27 -17.59
N GLN A 278 11.30 5.49 -17.18
CA GLN A 278 12.35 6.28 -17.81
C GLN A 278 13.74 5.79 -17.41
N ASP A 279 13.79 4.82 -16.51
CA ASP A 279 15.07 4.26 -16.04
C ASP A 279 15.05 2.74 -16.18
N PRO A 280 14.97 2.23 -17.43
CA PRO A 280 14.94 0.81 -17.77
C PRO A 280 16.13 -0.03 -17.33
N LEU A 281 17.25 0.63 -17.03
CA LEU A 281 18.46 -0.08 -16.61
C LEU A 281 18.72 0.11 -15.12
N GLY A 282 17.87 0.90 -14.49
CA GLY A 282 18.05 1.17 -13.07
C GLY A 282 16.90 0.73 -12.20
N VAL A 283 16.91 1.19 -10.96
CA VAL A 283 15.88 0.86 -9.99
C VAL A 283 14.51 1.36 -10.40
N GLY A 284 14.48 2.38 -11.27
CA GLY A 284 13.22 2.94 -11.71
C GLY A 284 12.23 1.96 -12.31
N LEU A 285 12.73 0.99 -13.06
CA LEU A 285 11.86 0.01 -13.68
C LEU A 285 11.11 -0.85 -12.65
N VAL A 286 11.81 -1.36 -11.64
CA VAL A 286 11.15 -2.20 -10.64
C VAL A 286 10.19 -1.36 -9.80
N LEU A 287 10.57 -0.11 -9.57
CA LEU A 287 9.74 0.79 -8.79
C LEU A 287 8.39 0.91 -9.49
N ALA A 288 8.44 1.18 -10.79
CA ALA A 288 7.23 1.32 -11.59
C ALA A 288 6.42 0.02 -11.65
N TYR A 289 7.11 -1.09 -11.85
CA TYR A 289 6.47 -2.40 -11.93
C TYR A 289 5.71 -2.76 -10.63
N VAL A 290 6.37 -2.62 -9.49
CA VAL A 290 5.73 -2.94 -8.22
C VAL A 290 4.49 -2.09 -7.97
N LYS A 291 4.59 -0.78 -8.20
CA LYS A 291 3.45 0.10 -7.96
C LYS A 291 2.30 -0.11 -8.95
N GLU A 292 2.63 -0.50 -10.17
CA GLU A 292 1.60 -0.74 -11.18
C GLU A 292 0.86 -2.02 -10.81
N ARG A 293 1.57 -2.99 -10.27
CA ARG A 293 0.95 -4.25 -9.84
C ARG A 293 0.08 -3.97 -8.63
N GLU A 294 0.52 -3.05 -7.79
CA GLU A 294 -0.25 -2.69 -6.60
C GLU A 294 -1.58 -2.05 -7.04
N TRP A 295 -1.48 -1.10 -7.97
CA TRP A 295 -2.66 -0.37 -8.49
C TRP A 295 -3.59 -1.37 -9.17
N GLU A 296 -2.98 -2.38 -9.79
CA GLU A 296 -3.71 -3.43 -10.48
C GLU A 296 -4.53 -4.21 -9.45
N ALA A 297 -3.88 -4.57 -8.33
CA ALA A 297 -4.55 -5.32 -7.27
C ALA A 297 -5.69 -4.51 -6.64
N VAL A 298 -5.43 -3.23 -6.41
CA VAL A 298 -6.43 -2.36 -5.81
C VAL A 298 -7.65 -2.22 -6.72
N ARG A 299 -7.41 -1.95 -7.99
CA ARG A 299 -8.52 -1.80 -8.94
C ARG A 299 -9.31 -3.09 -9.15
N LEU A 300 -8.60 -4.22 -9.25
CA LEU A 300 -9.29 -5.50 -9.44
C LEU A 300 -10.23 -5.75 -8.25
N ARG A 301 -9.76 -5.46 -7.05
CA ARG A 301 -10.56 -5.66 -5.85
C ARG A 301 -11.82 -4.80 -5.88
N LEU A 302 -11.67 -3.53 -6.21
CA LEU A 302 -12.79 -2.60 -6.25
C LEU A 302 -13.75 -2.88 -7.40
N LEU A 303 -13.21 -3.21 -8.57
CA LEU A 303 -14.04 -3.51 -9.74
C LEU A 303 -14.79 -4.83 -9.53
N ALA A 304 -14.15 -5.79 -8.88
CA ALA A 304 -14.79 -7.07 -8.61
C ALA A 304 -15.99 -6.83 -7.69
N ARG A 305 -15.81 -5.94 -6.71
CA ARG A 305 -16.92 -5.64 -5.82
C ARG A 305 -18.03 -4.86 -6.51
N ARG A 306 -17.69 -3.99 -7.47
CA ARG A 306 -18.75 -3.25 -8.16
C ARG A 306 -19.62 -4.24 -8.93
N ALA A 307 -18.97 -5.16 -9.63
CA ALA A 307 -19.69 -6.16 -10.42
C ALA A 307 -20.45 -7.14 -9.53
N TYR A 308 -19.85 -7.52 -8.41
CA TYR A 308 -20.48 -8.48 -7.49
C TYR A 308 -21.70 -7.93 -6.76
N PHE A 309 -21.54 -6.76 -6.13
CA PHE A 309 -22.62 -6.14 -5.37
C PHE A 309 -23.49 -5.16 -6.15
N GLY A 310 -23.04 -4.74 -7.33
CA GLY A 310 -23.81 -3.78 -8.11
C GLY A 310 -23.71 -2.40 -7.49
N LEU A 311 -22.48 -1.99 -7.17
CA LEU A 311 -22.24 -0.68 -6.56
C LEU A 311 -22.36 0.47 -7.56
N PRO A 312 -22.69 1.68 -7.06
CA PRO A 312 -22.84 2.88 -7.90
C PRO A 312 -21.60 3.11 -8.78
N ARG A 313 -21.82 3.23 -10.08
CA ARG A 313 -20.73 3.43 -11.04
C ARG A 313 -19.86 4.65 -10.75
N ALA A 314 -20.48 5.79 -10.50
CA ALA A 314 -19.75 7.03 -10.24
C ALA A 314 -18.82 6.97 -9.04
N GLN A 315 -19.28 6.37 -7.94
CA GLN A 315 -18.47 6.26 -6.74
C GLN A 315 -17.27 5.34 -6.98
N VAL A 316 -17.49 4.24 -7.68
CA VAL A 316 -16.42 3.28 -7.97
C VAL A 316 -15.40 3.87 -8.95
N GLU A 317 -15.91 4.48 -10.02
CA GLU A 317 -15.04 5.07 -11.04
C GLU A 317 -14.05 6.04 -10.41
N GLU A 318 -14.54 6.83 -9.45
CA GLU A 318 -13.70 7.80 -8.76
C GLU A 318 -12.60 7.13 -7.93
N GLU A 319 -12.87 5.92 -7.45
CA GLU A 319 -11.89 5.20 -6.65
C GLU A 319 -10.91 4.37 -7.47
N VAL A 320 -11.19 4.18 -8.77
CA VAL A 320 -10.30 3.40 -9.63
C VAL A 320 -9.66 4.20 -10.75
N VAL A 321 -9.78 5.53 -10.66
CA VAL A 321 -9.17 6.39 -11.66
C VAL A 321 -8.28 7.41 -10.97
N CYS A 322 -7.12 7.66 -11.54
CA CYS A 322 -6.19 8.63 -10.98
C CYS A 322 -5.94 9.77 -11.95
N PRO A 323 -6.44 10.98 -11.61
CA PRO A 323 -6.27 12.17 -12.45
C PRO A 323 -4.79 12.57 -12.54
C1 GOL B . -15.10 -19.00 -14.56
O1 GOL B . -16.14 -17.83 -14.92
C2 GOL B . -13.79 -18.83 -14.15
O2 GOL B . -13.25 -17.74 -14.71
C3 GOL B . -13.47 -19.71 -13.38
O3 GOL B . -13.56 -20.99 -12.48
C1 GOL C . 17.06 -4.01 11.73
O1 GOL C . 17.92 -4.30 13.06
C2 GOL C . 17.29 -4.59 10.48
O2 GOL C . 18.48 -5.21 10.45
C3 GOL C . 16.35 -4.38 9.75
O3 GOL C . 14.96 -3.86 9.24
#